data_4E4X
#
_entry.id   4E4X
#
_cell.length_a   109.000
_cell.length_b   109.000
_cell.length_c   155.210
_cell.angle_alpha   90.00
_cell.angle_beta   90.00
_cell.angle_gamma   90.00
#
_symmetry.space_group_name_H-M   'P 41 21 2'
#
loop_
_entity.id
_entity.type
_entity.pdbx_description
1 polymer 'Serine/threonine-protein kinase B-raf'
2 non-polymer N-(2,4-difluoro-3-{2-[(3-hydroxypropyl)amino]-8-methyl-7-oxo-7,8-dihydropyrido[2,3-d]pyrimidin-6-yl}phenyl)propane-1-sulfonamide
#
_entity_poly.entity_id   1
_entity_poly.type   'polypeptide(L)'
_entity_poly.pdbx_seq_one_letter_code
;MDRGSHHHHHHGSEDRNRMKTLGRRDSSDDWEIPDGQITVGQRIGSGSFGTVYKGKWHGDVAVKMLNVTAPTPQQLQAFK
NEVGVLRKTRHVNILLFMGYSTKPQLAIVTQWCEGSSLYHHLHIIETKFEMIKLIDIARQTAQGMDYLHAKSIIHRDLKS
NNIFLHEDLTVKIGDFGLATVKSRWSGSHQFEQLSGSILWMAPEVIRMQDKNPYSFQSDVYAFGIVLYELMTGQLPYSNI
NNRDQIIFMVGRGYLSPDLSKVRSNCPKAMKRLMAECLKKKRDERPLFPQILASIELLARSLPKIHR
;
_entity_poly.pdbx_strand_id   A,B
#
loop_
_chem_comp.id
_chem_comp.type
_chem_comp.name
_chem_comp.formula
T1Q non-polymer N-(2,4-difluoro-3-{2-[(3-hydroxypropyl)amino]-8-methyl-7-oxo-7,8-dihydropyrido[2,3-d]pyrimidin-6-yl}phenyl)propane-1-sulfonamide 'C20 H23 F2 N5 O4 S'
#
# COMPACT_ATOMS: atom_id res chain seq x y z
N ASP A 29 -13.82 13.43 -0.31
CA ASP A 29 -14.06 12.12 0.37
C ASP A 29 -14.24 10.98 -0.63
N ASP A 30 -15.25 11.11 -1.50
CA ASP A 30 -15.57 10.07 -2.47
C ASP A 30 -14.51 9.99 -3.57
N TRP A 31 -14.45 8.84 -4.24
CA TRP A 31 -13.27 8.49 -5.02
C TRP A 31 -13.41 8.64 -6.53
N GLU A 32 -14.45 9.35 -6.98
CA GLU A 32 -14.62 9.54 -8.40
C GLU A 32 -13.53 10.44 -8.97
N ILE A 33 -13.01 10.05 -10.12
CA ILE A 33 -11.89 10.74 -10.74
C ILE A 33 -12.31 11.41 -12.05
N PRO A 34 -12.45 12.75 -12.03
CA PRO A 34 -13.01 13.53 -13.14
C PRO A 34 -12.32 13.31 -14.48
N ASP A 35 -13.07 13.55 -15.56
CA ASP A 35 -12.56 13.37 -16.91
C ASP A 35 -11.18 14.01 -17.04
N GLY A 36 -10.38 13.48 -17.97
CA GLY A 36 -9.18 14.18 -18.39
C GLY A 36 -8.00 14.12 -17.45
N GLN A 37 -8.20 13.54 -16.26
CA GLN A 37 -7.11 13.39 -15.30
C GLN A 37 -6.23 12.20 -15.64
N ILE A 38 -6.88 11.05 -15.88
CA ILE A 38 -6.17 9.80 -16.10
C ILE A 38 -5.62 9.73 -17.53
N THR A 39 -4.42 9.18 -17.67
CA THR A 39 -3.78 9.06 -18.97
C THR A 39 -3.55 7.59 -19.34
N VAL A 40 -4.50 7.01 -20.08
CA VAL A 40 -4.41 5.60 -20.45
C VAL A 40 -3.25 5.35 -21.40
N GLY A 41 -2.53 4.26 -21.18
CA GLY A 41 -1.34 3.97 -21.96
C GLY A 41 -1.39 2.64 -22.68
N GLN A 42 -0.29 1.89 -22.59
CA GLN A 42 -0.19 0.59 -23.26
C GLN A 42 -1.32 -0.32 -22.81
N ARG A 43 -1.65 -1.32 -23.62
CA ARG A 43 -2.76 -2.21 -23.35
C ARG A 43 -2.22 -3.57 -22.89
N ILE A 44 -2.78 -4.10 -21.80
CA ILE A 44 -2.25 -5.32 -21.20
C ILE A 44 -3.28 -6.45 -21.06
N GLY A 45 -4.43 -6.16 -20.47
CA GLY A 45 -5.45 -7.19 -20.26
C GLY A 45 -6.47 -7.27 -21.37
N SER A 46 -7.07 -8.44 -21.54
CA SER A 46 -7.97 -8.69 -22.65
C SER A 46 -9.34 -9.23 -22.22
N GLY A 47 -10.19 -9.52 -23.21
CA GLY A 47 -11.43 -10.22 -22.96
C GLY A 47 -12.64 -9.31 -22.90
N SER A 48 -13.79 -9.90 -22.61
CA SER A 48 -14.95 -9.10 -22.24
C SER A 48 -14.67 -8.45 -20.89
N PHE A 49 -15.47 -8.80 -19.89
CA PHE A 49 -15.60 -7.99 -18.69
C PHE A 49 -14.44 -7.07 -18.32
N GLY A 50 -14.25 -6.03 -19.12
CA GLY A 50 -13.25 -5.03 -18.81
C GLY A 50 -11.95 -5.21 -19.57
N THR A 51 -11.41 -4.11 -20.09
CA THR A 51 -10.09 -4.14 -20.69
C THR A 51 -9.16 -3.33 -19.79
N VAL A 52 -7.96 -3.86 -19.57
CA VAL A 52 -7.04 -3.29 -18.58
C VAL A 52 -5.87 -2.56 -19.23
N TYR A 53 -5.67 -1.30 -18.81
CA TYR A 53 -4.61 -0.47 -19.37
C TYR A 53 -3.67 0.01 -18.26
N LYS A 54 -2.40 0.17 -18.59
CA LYS A 54 -1.43 0.72 -17.64
C LYS A 54 -1.41 2.24 -17.72
N GLY A 55 -2.26 2.88 -16.94
CA GLY A 55 -2.41 4.32 -17.05
C GLY A 55 -1.37 5.10 -16.27
N LYS A 56 -1.63 6.40 -16.11
CA LYS A 56 -0.83 7.26 -15.27
C LYS A 56 -1.77 8.22 -14.56
N TRP A 57 -1.50 8.48 -13.29
CA TRP A 57 -2.40 9.28 -12.46
C TRP A 57 -1.80 9.41 -11.06
N HIS A 58 -1.18 10.54 -10.78
CA HIS A 58 -0.32 10.65 -9.61
C HIS A 58 0.59 9.44 -9.61
N GLY A 59 1.40 9.32 -10.66
CA GLY A 59 2.28 8.18 -10.80
C GLY A 59 1.67 7.09 -11.64
N ASP A 60 2.41 6.00 -11.84
CA ASP A 60 1.91 4.88 -12.62
C ASP A 60 0.69 4.27 -11.95
N VAL A 61 -0.29 3.87 -12.77
CA VAL A 61 -1.47 3.18 -12.27
C VAL A 61 -1.94 2.13 -13.28
N ALA A 62 -2.82 1.24 -12.83
CA ALA A 62 -3.50 0.34 -13.73
C ALA A 62 -4.95 0.79 -13.79
N VAL A 63 -5.51 0.80 -15.00
CA VAL A 63 -6.90 1.18 -15.17
C VAL A 63 -7.69 0.06 -15.84
N LYS A 64 -8.76 -0.36 -15.19
CA LYS A 64 -9.63 -1.38 -15.75
C LYS A 64 -10.94 -0.76 -16.20
N MET A 65 -11.08 -0.60 -17.51
CA MET A 65 -12.29 -0.03 -18.08
C MET A 65 -13.26 -1.13 -18.50
N LEU A 66 -14.43 -1.15 -17.88
CA LEU A 66 -15.51 -2.09 -18.26
C LEU A 66 -16.11 -1.69 -19.63
N ASN A 67 -15.71 -2.32 -20.72
CA ASN A 67 -16.20 -1.81 -22.01
C ASN A 67 -17.68 -2.13 -22.21
N VAL A 68 -18.51 -1.85 -21.22
CA VAL A 68 -19.94 -1.90 -21.45
C VAL A 68 -20.32 -0.59 -22.15
N THR A 69 -20.43 -0.65 -23.49
CA THR A 69 -20.61 0.58 -24.29
C THR A 69 -20.95 1.79 -23.44
N ALA A 70 -22.21 2.20 -23.45
CA ALA A 70 -22.67 3.21 -22.50
C ALA A 70 -23.90 2.73 -21.76
N PRO A 71 -23.87 2.74 -20.42
CA PRO A 71 -25.00 2.24 -19.64
C PRO A 71 -26.13 3.18 -19.29
N THR A 72 -26.92 2.69 -18.31
CA THR A 72 -28.40 2.67 -18.26
C THR A 72 -28.73 2.78 -16.76
N PRO A 73 -28.77 4.00 -16.24
CA PRO A 73 -28.76 4.30 -14.80
C PRO A 73 -29.58 3.37 -13.88
N GLN A 74 -28.98 2.24 -13.57
CA GLN A 74 -29.49 1.31 -12.57
C GLN A 74 -28.51 0.16 -12.81
N GLN A 75 -27.61 0.45 -13.75
CA GLN A 75 -26.30 -0.15 -13.86
C GLN A 75 -25.28 0.75 -13.14
N LEU A 76 -25.41 2.05 -13.34
CA LEU A 76 -24.45 3.01 -12.80
C LEU A 76 -24.45 2.98 -11.28
N GLN A 77 -25.61 2.69 -10.70
CA GLN A 77 -25.73 2.61 -9.24
C GLN A 77 -25.27 1.25 -8.74
N ALA A 78 -25.16 0.28 -9.65
CA ALA A 78 -24.65 -1.04 -9.29
C ALA A 78 -23.13 -1.05 -9.42
N PHE A 79 -22.61 -0.18 -10.28
CA PHE A 79 -21.17 0.00 -10.44
C PHE A 79 -20.62 0.74 -9.23
N LYS A 80 -21.43 1.65 -8.69
CA LYS A 80 -21.06 2.39 -7.49
C LYS A 80 -21.02 1.48 -6.28
N ASN A 81 -22.01 0.60 -6.17
CA ASN A 81 -22.11 -0.30 -5.02
C ASN A 81 -20.92 -1.25 -4.94
N GLU A 82 -20.36 -1.60 -6.10
CA GLU A 82 -19.19 -2.46 -6.14
C GLU A 82 -17.92 -1.72 -5.72
N VAL A 83 -17.92 -0.40 -5.90
CA VAL A 83 -16.83 0.43 -5.42
C VAL A 83 -16.94 0.58 -3.91
N GLY A 84 -18.15 0.42 -3.39
CA GLY A 84 -18.34 0.41 -1.96
C GLY A 84 -17.74 -0.85 -1.36
N VAL A 85 -17.65 -1.89 -2.19
CA VAL A 85 -17.03 -3.14 -1.77
C VAL A 85 -15.51 -2.99 -1.75
N LEU A 86 -14.96 -2.37 -2.79
CA LEU A 86 -13.52 -2.21 -2.92
C LEU A 86 -12.97 -1.37 -1.77
N ARG A 87 -13.53 -0.19 -1.59
CA ARG A 87 -13.00 0.75 -0.61
C ARG A 87 -13.03 0.14 0.79
N LYS A 88 -13.74 -0.97 0.94
CA LYS A 88 -13.77 -1.69 2.21
C LYS A 88 -12.39 -2.24 2.53
N THR A 89 -11.53 -2.30 1.52
CA THR A 89 -10.25 -3.00 1.64
C THR A 89 -9.05 -2.08 1.80
N ARG A 90 -8.25 -2.33 2.83
CA ARG A 90 -6.99 -1.63 3.04
C ARG A 90 -5.96 -2.54 3.68
N HIS A 91 -5.19 -3.23 2.85
CA HIS A 91 -4.20 -4.20 3.34
C HIS A 91 -3.08 -4.36 2.33
N VAL A 92 -1.87 -4.62 2.83
CA VAL A 92 -0.68 -4.61 2.00
C VAL A 92 -0.68 -5.77 1.01
N ASN A 93 -1.46 -6.81 1.30
CA ASN A 93 -1.50 -7.98 0.45
C ASN A 93 -2.67 -7.95 -0.53
N ILE A 94 -3.60 -7.03 -0.30
CA ILE A 94 -4.71 -6.82 -1.22
C ILE A 94 -4.41 -5.66 -2.16
N LEU A 95 -4.67 -5.86 -3.44
CA LEU A 95 -4.44 -4.81 -4.43
C LEU A 95 -5.07 -3.51 -3.94
N LEU A 96 -4.39 -2.41 -4.17
CA LEU A 96 -4.86 -1.11 -3.69
C LEU A 96 -5.82 -0.46 -4.68
N PHE A 97 -7.02 -0.16 -4.21
CA PHE A 97 -7.96 0.61 -5.01
C PHE A 97 -7.77 2.10 -4.75
N MET A 98 -7.40 2.84 -5.78
CA MET A 98 -7.08 4.26 -5.63
C MET A 98 -8.26 5.17 -5.97
N GLY A 99 -9.18 4.67 -6.80
CA GLY A 99 -10.32 5.48 -7.20
C GLY A 99 -10.91 4.99 -8.52
N TYR A 100 -12.20 5.21 -8.69
CA TYR A 100 -12.88 4.78 -9.91
C TYR A 100 -13.18 5.96 -10.82
N SER A 101 -13.70 5.66 -12.01
CA SER A 101 -14.05 6.68 -12.98
C SER A 101 -15.27 6.24 -13.77
N THR A 102 -16.15 7.19 -14.08
CA THR A 102 -17.36 6.89 -14.81
C THR A 102 -17.40 7.60 -16.15
N LYS A 103 -16.69 8.72 -16.24
CA LYS A 103 -16.92 9.69 -17.31
C LYS A 103 -16.69 9.14 -18.72
N PRO A 104 -15.42 8.94 -19.12
CA PRO A 104 -15.26 8.46 -20.50
C PRO A 104 -15.90 7.09 -20.68
N GLN A 105 -15.45 6.13 -19.87
CA GLN A 105 -16.10 4.84 -19.74
C GLN A 105 -16.35 4.62 -18.25
N LEU A 106 -16.94 3.48 -17.92
CA LEU A 106 -16.84 2.97 -16.56
C LEU A 106 -15.47 2.30 -16.43
N ALA A 107 -14.82 2.51 -15.28
CA ALA A 107 -13.48 1.99 -15.10
C ALA A 107 -13.05 2.13 -13.64
N ILE A 108 -12.26 1.17 -13.18
CA ILE A 108 -11.67 1.23 -11.85
C ILE A 108 -10.16 1.39 -11.99
N VAL A 109 -9.57 2.17 -11.08
CA VAL A 109 -8.14 2.43 -11.14
C VAL A 109 -7.46 1.93 -9.87
N THR A 110 -6.45 1.08 -10.05
CA THR A 110 -5.68 0.56 -8.92
C THR A 110 -4.21 0.90 -9.12
N GLN A 111 -3.43 0.73 -8.06
CA GLN A 111 -1.98 0.91 -8.17
C GLN A 111 -1.45 0.07 -9.32
N TRP A 112 -0.21 0.34 -9.73
CA TRP A 112 0.43 -0.49 -10.73
C TRP A 112 1.49 -1.37 -10.07
N CYS A 113 1.53 -2.64 -10.48
CA CYS A 113 2.48 -3.60 -9.93
C CYS A 113 3.59 -3.87 -10.91
N GLU A 114 4.78 -3.33 -10.65
CA GLU A 114 5.92 -3.60 -11.50
C GLU A 114 6.36 -5.05 -11.26
N GLY A 115 6.36 -5.85 -12.33
CA GLY A 115 6.64 -7.27 -12.18
C GLY A 115 5.44 -8.11 -12.53
N SER A 116 5.66 -9.41 -12.76
CA SER A 116 4.60 -10.27 -13.28
C SER A 116 3.82 -11.02 -12.20
N SER A 117 2.71 -11.61 -12.61
CA SER A 117 1.84 -12.34 -11.70
C SER A 117 2.35 -13.75 -11.45
N LEU A 118 1.94 -14.34 -10.34
CA LEU A 118 2.41 -15.66 -9.96
C LEU A 118 2.24 -16.65 -11.11
N TYR A 119 1.08 -16.63 -11.75
CA TYR A 119 0.79 -17.53 -12.86
C TYR A 119 1.83 -17.40 -13.95
N HIS A 120 2.15 -16.16 -14.30
CA HIS A 120 3.14 -15.90 -15.33
C HIS A 120 4.48 -16.48 -14.88
N HIS A 121 4.86 -16.18 -13.64
CA HIS A 121 6.12 -16.66 -13.09
C HIS A 121 6.22 -18.18 -13.15
N LEU A 122 5.13 -18.84 -12.75
CA LEU A 122 5.17 -20.27 -12.45
C LEU A 122 5.02 -21.14 -13.68
N HIS A 123 4.30 -20.66 -14.68
CA HIS A 123 3.91 -21.51 -15.80
C HIS A 123 4.40 -20.99 -17.15
N ILE A 124 4.79 -19.72 -17.21
CA ILE A 124 5.16 -19.12 -18.49
C ILE A 124 6.65 -18.86 -18.63
N ILE A 125 7.26 -18.21 -17.66
CA ILE A 125 8.70 -17.97 -17.70
C ILE A 125 9.44 -18.95 -16.80
N GLU A 126 8.72 -19.92 -16.26
CA GLU A 126 9.31 -21.02 -15.51
C GLU A 126 10.34 -20.52 -14.49
N THR A 127 9.98 -19.46 -13.77
CA THR A 127 10.86 -18.94 -12.73
C THR A 127 11.13 -20.04 -11.71
N LYS A 128 12.35 -20.08 -11.20
CA LYS A 128 12.70 -21.02 -10.14
C LYS A 128 12.80 -20.31 -8.79
N PHE A 129 11.73 -20.40 -8.00
CA PHE A 129 11.72 -19.79 -6.67
C PHE A 129 12.40 -20.71 -5.68
N GLU A 130 13.10 -20.13 -4.72
CA GLU A 130 13.65 -20.89 -3.60
C GLU A 130 12.48 -21.27 -2.70
N MET A 131 12.59 -22.43 -2.04
CA MET A 131 11.49 -22.93 -1.23
C MET A 131 11.03 -21.93 -0.17
N ILE A 132 11.99 -21.23 0.44
CA ILE A 132 11.65 -20.26 1.47
C ILE A 132 10.69 -19.24 0.89
N LYS A 133 10.91 -18.91 -0.38
CA LYS A 133 10.10 -17.92 -1.08
C LYS A 133 8.72 -18.46 -1.37
N LEU A 134 8.65 -19.67 -1.91
CA LEU A 134 7.39 -20.30 -2.25
C LEU A 134 6.45 -20.28 -1.06
N ILE A 135 6.97 -20.66 0.10
CA ILE A 135 6.16 -20.66 1.31
C ILE A 135 5.69 -19.26 1.65
N ASP A 136 6.59 -18.28 1.53
CA ASP A 136 6.23 -16.91 1.84
C ASP A 136 5.10 -16.42 0.94
N ILE A 137 5.21 -16.68 -0.35
CA ILE A 137 4.15 -16.30 -1.28
C ILE A 137 2.84 -16.95 -0.85
N ALA A 138 2.90 -18.25 -0.55
CA ALA A 138 1.73 -18.95 -0.07
C ALA A 138 1.19 -18.22 1.15
N ARG A 139 2.10 -17.75 2.00
CA ARG A 139 1.71 -17.12 3.26
C ARG A 139 1.02 -15.80 3.02
N GLN A 140 1.59 -14.97 2.16
CA GLN A 140 1.02 -13.66 1.88
C GLN A 140 -0.35 -13.84 1.26
N THR A 141 -0.44 -14.74 0.28
CA THR A 141 -1.71 -15.02 -0.37
C THR A 141 -2.78 -15.27 0.69
N ALA A 142 -2.48 -16.18 1.60
CA ALA A 142 -3.41 -16.55 2.66
C ALA A 142 -3.66 -15.36 3.58
N GLN A 143 -2.61 -14.64 3.90
CA GLN A 143 -2.73 -13.44 4.72
C GLN A 143 -3.77 -12.51 4.07
N GLY A 144 -3.53 -12.13 2.83
CA GLY A 144 -4.46 -11.27 2.13
C GLY A 144 -5.86 -11.86 2.10
N MET A 145 -5.95 -13.16 1.83
CA MET A 145 -7.25 -13.84 1.80
C MET A 145 -7.92 -13.78 3.17
N ASP A 146 -7.15 -14.02 4.21
CA ASP A 146 -7.66 -13.95 5.58
C ASP A 146 -8.33 -12.60 5.77
N TYR A 147 -7.65 -11.55 5.33
CA TYR A 147 -8.17 -10.19 5.46
C TYR A 147 -9.47 -10.03 4.68
N LEU A 148 -9.44 -10.41 3.40
CA LEU A 148 -10.61 -10.31 2.53
C LEU A 148 -11.83 -10.95 3.16
N HIS A 149 -11.63 -12.01 3.93
CA HIS A 149 -12.73 -12.71 4.56
C HIS A 149 -13.21 -11.99 5.81
N ALA A 150 -12.28 -11.57 6.65
CA ALA A 150 -12.65 -10.81 7.85
C ALA A 150 -13.56 -9.67 7.46
N LYS A 151 -13.35 -9.14 6.26
CA LYS A 151 -14.14 -8.02 5.76
C LYS A 151 -15.35 -8.52 4.97
N SER A 152 -15.59 -9.83 5.03
CA SER A 152 -16.78 -10.44 4.44
C SER A 152 -16.75 -10.38 2.91
N ILE A 153 -15.56 -10.44 2.34
CA ILE A 153 -15.43 -10.48 0.89
C ILE A 153 -14.97 -11.86 0.45
N ILE A 154 -15.75 -12.49 -0.42
CA ILE A 154 -15.37 -13.77 -0.99
C ILE A 154 -14.81 -13.55 -2.38
N HIS A 155 -13.57 -13.97 -2.60
CA HIS A 155 -12.88 -13.65 -3.84
C HIS A 155 -13.60 -14.27 -5.04
N ARG A 156 -13.79 -15.58 -5.00
CA ARG A 156 -14.58 -16.30 -5.99
C ARG A 156 -13.81 -16.68 -7.26
N ASP A 157 -12.71 -16.00 -7.51
CA ASP A 157 -11.82 -16.43 -8.58
C ASP A 157 -10.37 -16.21 -8.19
N LEU A 158 -9.98 -16.80 -7.06
CA LEU A 158 -8.57 -16.80 -6.69
C LEU A 158 -7.85 -17.79 -7.60
N LYS A 159 -6.70 -17.38 -8.10
CA LYS A 159 -5.84 -18.25 -8.88
C LYS A 159 -4.50 -17.56 -9.07
N SER A 160 -3.51 -18.30 -9.57
CA SER A 160 -2.17 -17.76 -9.73
C SER A 160 -2.19 -16.56 -10.67
N ASN A 161 -3.23 -16.47 -11.48
CA ASN A 161 -3.36 -15.39 -12.46
C ASN A 161 -3.67 -14.08 -11.75
N ASN A 162 -4.46 -14.16 -10.68
CA ASN A 162 -4.91 -12.99 -9.97
C ASN A 162 -4.08 -12.73 -8.72
N ILE A 163 -2.88 -13.30 -8.68
CA ILE A 163 -1.92 -12.97 -7.64
C ILE A 163 -0.71 -12.29 -8.27
N PHE A 164 -0.43 -11.07 -7.83
CA PHE A 164 0.65 -10.29 -8.39
C PHE A 164 1.85 -10.21 -7.44
N LEU A 165 3.02 -10.62 -7.92
CA LEU A 165 4.26 -10.40 -7.18
C LEU A 165 4.82 -9.02 -7.48
N HIS A 166 4.48 -8.05 -6.65
CA HIS A 166 4.96 -6.69 -6.85
C HIS A 166 6.42 -6.57 -6.41
N GLU A 167 7.23 -5.96 -7.27
CA GLU A 167 8.67 -5.89 -7.06
C GLU A 167 9.25 -7.28 -6.86
N ASP A 168 8.37 -8.29 -6.95
CA ASP A 168 8.75 -9.70 -6.88
C ASP A 168 8.88 -10.23 -5.46
N LEU A 169 8.57 -9.42 -4.46
CA LEU A 169 8.57 -9.91 -3.08
C LEU A 169 7.23 -9.79 -2.37
N THR A 170 6.42 -8.79 -2.75
CA THR A 170 5.14 -8.57 -2.09
C THR A 170 3.98 -9.09 -2.94
N VAL A 171 3.12 -9.88 -2.30
CA VAL A 171 1.94 -10.42 -2.97
C VAL A 171 0.79 -9.44 -2.90
N LYS A 172 0.22 -9.12 -4.06
CA LYS A 172 -1.00 -8.35 -4.12
C LYS A 172 -2.09 -9.19 -4.77
N ILE A 173 -3.19 -9.41 -4.05
CA ILE A 173 -4.32 -10.16 -4.60
C ILE A 173 -5.30 -9.23 -5.27
N GLY A 174 -5.68 -9.53 -6.51
CA GLY A 174 -6.57 -8.65 -7.23
C GLY A 174 -7.74 -9.38 -7.89
N ASP A 175 -8.68 -8.60 -8.44
CA ASP A 175 -9.75 -9.14 -9.27
C ASP A 175 -10.83 -9.84 -8.44
N PHE A 176 -11.03 -9.37 -7.22
CA PHE A 176 -11.98 -10.00 -6.32
C PHE A 176 -13.29 -9.22 -6.23
N GLY A 177 -13.32 -8.03 -6.80
CA GLY A 177 -14.47 -7.17 -6.62
C GLY A 177 -15.22 -6.84 -7.90
N LEU A 178 -16.54 -6.94 -7.86
CA LEU A 178 -17.45 -6.53 -8.94
C LEU A 178 -18.56 -7.55 -8.98
N ALA A 179 -18.19 -8.81 -8.84
CA ALA A 179 -19.09 -9.94 -8.95
C ALA A 179 -20.56 -9.63 -9.25
N THR A 180 -21.19 -8.88 -8.36
CA THR A 180 -22.57 -8.46 -8.52
C THR A 180 -22.83 -7.78 -9.87
N VAL A 181 -21.78 -7.21 -10.46
CA VAL A 181 -21.88 -6.64 -11.80
C VAL A 181 -21.39 -7.66 -12.81
N LYS A 182 -22.05 -8.82 -12.84
CA LYS A 182 -21.68 -9.88 -13.77
C LYS A 182 -22.78 -10.92 -13.77
N SER A 183 -23.26 -11.26 -12.59
CA SER A 183 -24.38 -12.17 -12.43
C SER A 183 -25.68 -11.47 -12.84
N ARG A 184 -25.62 -10.14 -12.91
CA ARG A 184 -26.79 -9.35 -13.30
C ARG A 184 -26.52 -8.53 -14.56
N TRP A 185 -25.37 -8.76 -15.19
CA TRP A 185 -25.06 -8.09 -16.44
C TRP A 185 -24.87 -9.07 -17.60
N SER A 186 -25.10 -8.58 -18.83
CA SER A 186 -25.03 -9.41 -20.02
C SER A 186 -23.65 -9.37 -20.66
N LEU A 194 -15.42 -18.14 -16.20
CA LEU A 194 -15.72 -19.46 -15.65
C LEU A 194 -15.22 -20.58 -16.57
N SER A 195 -14.13 -20.32 -17.28
CA SER A 195 -13.53 -21.33 -18.14
C SER A 195 -12.07 -21.57 -17.76
N GLY A 196 -11.22 -20.62 -18.11
CA GLY A 196 -9.81 -20.73 -17.76
C GLY A 196 -9.61 -20.54 -16.28
N SER A 197 -10.59 -20.96 -15.49
CA SER A 197 -10.52 -20.85 -14.05
C SER A 197 -11.23 -22.02 -13.36
N ILE A 198 -11.36 -23.13 -14.09
CA ILE A 198 -12.01 -24.31 -13.54
C ILE A 198 -11.05 -25.18 -12.72
N LEU A 199 -9.76 -25.03 -12.98
CA LEU A 199 -8.77 -25.76 -12.22
C LEU A 199 -8.75 -25.34 -10.76
N TRP A 200 -9.24 -24.13 -10.49
CA TRP A 200 -9.27 -23.62 -9.11
C TRP A 200 -10.67 -23.70 -8.51
N MET A 201 -11.64 -24.12 -9.30
CA MET A 201 -12.99 -24.31 -8.81
C MET A 201 -13.04 -25.51 -7.88
N ALA A 202 -13.55 -25.30 -6.68
CA ALA A 202 -13.87 -26.42 -5.78
C ALA A 202 -15.00 -27.21 -6.40
N PRO A 203 -15.14 -28.48 -6.03
CA PRO A 203 -16.13 -29.35 -6.66
C PRO A 203 -17.54 -28.77 -6.60
N GLU A 204 -17.94 -28.35 -5.41
CA GLU A 204 -19.30 -27.86 -5.20
C GLU A 204 -19.59 -26.66 -6.10
N VAL A 205 -18.52 -26.07 -6.62
CA VAL A 205 -18.65 -24.97 -7.57
C VAL A 205 -18.73 -25.50 -9.00
N ILE A 206 -17.87 -26.45 -9.34
CA ILE A 206 -17.91 -27.05 -10.67
C ILE A 206 -19.32 -27.51 -11.01
N ARG A 207 -19.81 -28.50 -10.27
CA ARG A 207 -21.20 -28.91 -10.41
C ARG A 207 -22.08 -27.80 -9.84
N MET A 208 -22.60 -26.96 -10.71
CA MET A 208 -23.44 -25.85 -10.29
C MET A 208 -24.70 -26.41 -9.64
N GLN A 209 -24.65 -26.60 -8.33
CA GLN A 209 -25.69 -27.35 -7.63
C GLN A 209 -26.88 -26.49 -7.26
N ASP A 210 -26.63 -25.34 -6.65
CA ASP A 210 -27.71 -24.47 -6.21
C ASP A 210 -27.47 -23.00 -6.54
N LYS A 211 -28.04 -22.12 -5.72
CA LYS A 211 -27.94 -20.69 -5.94
C LYS A 211 -26.52 -20.22 -5.68
N ASN A 212 -26.06 -20.42 -4.44
CA ASN A 212 -24.78 -19.87 -4.01
C ASN A 212 -23.81 -20.98 -3.56
N PRO A 213 -23.01 -21.51 -4.51
CA PRO A 213 -21.96 -22.49 -4.25
C PRO A 213 -20.72 -21.84 -3.62
N TYR A 214 -20.57 -20.54 -3.86
CA TYR A 214 -19.39 -19.80 -3.43
C TYR A 214 -19.40 -19.52 -1.94
N SER A 215 -18.25 -19.70 -1.30
CA SER A 215 -18.15 -19.63 0.15
C SER A 215 -16.71 -19.36 0.56
N PHE A 216 -16.51 -19.06 1.84
CA PHE A 216 -15.15 -18.99 2.38
C PHE A 216 -14.42 -20.25 1.96
N GLN A 217 -15.04 -21.39 2.20
CA GLN A 217 -14.40 -22.67 1.97
C GLN A 217 -14.02 -22.89 0.50
N SER A 218 -14.84 -22.40 -0.41
CA SER A 218 -14.56 -22.57 -1.84
C SER A 218 -13.25 -21.89 -2.15
N ASP A 219 -13.02 -20.74 -1.52
CA ASP A 219 -11.77 -20.00 -1.70
C ASP A 219 -10.61 -20.82 -1.19
N VAL A 220 -10.79 -21.41 0.00
CA VAL A 220 -9.75 -22.23 0.61
C VAL A 220 -9.25 -23.28 -0.39
N TYR A 221 -10.20 -23.87 -1.12
CA TYR A 221 -9.84 -24.88 -2.11
C TYR A 221 -9.07 -24.23 -3.24
N ALA A 222 -9.52 -23.07 -3.69
CA ALA A 222 -8.81 -22.34 -4.74
C ALA A 222 -7.39 -22.05 -4.25
N PHE A 223 -7.27 -21.64 -2.99
CA PHE A 223 -5.97 -21.41 -2.39
C PHE A 223 -5.19 -22.72 -2.36
N GLY A 224 -5.91 -23.83 -2.28
CA GLY A 224 -5.26 -25.13 -2.27
C GLY A 224 -4.52 -25.41 -3.56
N ILE A 225 -5.12 -25.07 -4.69
CA ILE A 225 -4.50 -25.36 -5.98
C ILE A 225 -3.26 -24.48 -6.17
N VAL A 226 -3.33 -23.23 -5.74
CA VAL A 226 -2.19 -22.34 -5.86
C VAL A 226 -1.09 -22.81 -4.91
N LEU A 227 -1.48 -23.51 -3.85
CA LEU A 227 -0.52 -24.20 -2.99
C LEU A 227 0.13 -25.31 -3.80
N TYR A 228 -0.71 -26.00 -4.59
CA TYR A 228 -0.24 -27.07 -5.45
C TYR A 228 0.64 -26.52 -6.56
N GLU A 229 0.31 -25.32 -7.04
CA GLU A 229 1.10 -24.67 -8.08
C GLU A 229 2.47 -24.27 -7.54
N LEU A 230 2.49 -23.68 -6.36
CA LEU A 230 3.73 -23.23 -5.76
C LEU A 230 4.64 -24.43 -5.54
N MET A 231 4.04 -25.53 -5.12
CA MET A 231 4.80 -26.68 -4.64
C MET A 231 5.17 -27.67 -5.73
N THR A 232 4.46 -27.65 -6.85
CA THR A 232 4.76 -28.57 -7.94
C THR A 232 5.32 -27.82 -9.14
N GLY A 233 5.13 -26.50 -9.15
CA GLY A 233 5.50 -25.74 -10.32
C GLY A 233 4.65 -26.12 -11.52
N GLN A 234 3.56 -26.82 -11.26
CA GLN A 234 2.68 -27.29 -12.33
C GLN A 234 1.22 -26.93 -12.10
N LEU A 235 0.45 -26.88 -13.18
CA LEU A 235 -0.99 -26.83 -13.08
C LEU A 235 -1.49 -28.26 -12.86
N PRO A 236 -2.61 -28.41 -12.13
CA PRO A 236 -3.17 -29.75 -11.88
C PRO A 236 -3.72 -30.41 -13.14
N TYR A 237 -3.70 -31.74 -13.16
CA TYR A 237 -4.16 -32.51 -14.31
C TYR A 237 -3.52 -32.03 -15.61
N SER A 238 -2.21 -32.15 -15.72
CA SER A 238 -1.50 -31.72 -16.92
C SER A 238 -1.51 -32.82 -17.99
N ASN A 239 -2.20 -33.92 -17.69
CA ASN A 239 -2.17 -35.09 -18.55
C ASN A 239 -3.54 -35.47 -19.12
N ILE A 240 -4.55 -34.65 -18.87
CA ILE A 240 -5.87 -34.88 -19.46
C ILE A 240 -6.25 -33.77 -20.43
N ASN A 241 -6.35 -34.12 -21.71
CA ASN A 241 -6.49 -33.12 -22.77
C ASN A 241 -7.94 -32.76 -23.07
N ASN A 242 -8.86 -33.58 -22.60
CA ASN A 242 -10.28 -33.25 -22.68
C ASN A 242 -10.69 -32.48 -21.42
N ARG A 243 -11.21 -31.27 -21.60
CA ARG A 243 -11.44 -30.36 -20.49
C ARG A 243 -12.77 -30.63 -19.79
N ASP A 244 -13.70 -31.27 -20.49
CA ASP A 244 -15.01 -31.53 -19.92
C ASP A 244 -14.95 -32.66 -18.91
N GLN A 245 -14.11 -33.65 -19.16
CA GLN A 245 -13.89 -34.73 -18.21
C GLN A 245 -13.36 -34.16 -16.92
N ILE A 246 -12.33 -33.33 -17.02
CA ILE A 246 -11.81 -32.59 -15.87
C ILE A 246 -12.99 -32.04 -15.08
N ILE A 247 -13.87 -31.34 -15.77
CA ILE A 247 -15.05 -30.77 -15.12
C ILE A 247 -15.87 -31.87 -14.49
N PHE A 248 -16.26 -32.85 -15.30
CA PHE A 248 -17.11 -33.95 -14.83
C PHE A 248 -16.53 -34.65 -13.60
N MET A 249 -15.28 -35.08 -13.70
CA MET A 249 -14.66 -35.90 -12.65
C MET A 249 -14.49 -35.12 -11.36
N VAL A 250 -13.86 -33.95 -11.43
CA VAL A 250 -13.65 -33.13 -10.24
C VAL A 250 -14.99 -32.83 -9.58
N GLY A 251 -16.05 -32.88 -10.37
CA GLY A 251 -17.37 -32.59 -9.84
C GLY A 251 -17.98 -33.78 -9.12
N ARG A 252 -17.48 -34.97 -9.43
CA ARG A 252 -18.00 -36.20 -8.85
C ARG A 252 -16.98 -36.81 -7.91
N GLY A 253 -15.86 -36.11 -7.74
CA GLY A 253 -14.85 -36.58 -6.82
C GLY A 253 -14.11 -37.82 -7.32
N TYR A 254 -14.10 -38.02 -8.63
CA TYR A 254 -13.34 -39.12 -9.22
C TYR A 254 -11.90 -38.68 -9.48
N LEU A 255 -11.69 -37.36 -9.50
CA LEU A 255 -10.39 -36.79 -9.84
C LEU A 255 -9.98 -35.71 -8.84
N SER A 256 -8.71 -35.70 -8.46
CA SER A 256 -8.19 -34.67 -7.57
C SER A 256 -6.70 -34.46 -7.85
N PRO A 257 -6.14 -33.34 -7.40
CA PRO A 257 -4.72 -33.06 -7.59
C PRO A 257 -3.84 -34.20 -7.07
N ASP A 258 -2.81 -34.55 -7.83
CA ASP A 258 -1.93 -35.65 -7.45
C ASP A 258 -0.85 -35.15 -6.50
N LEU A 259 -1.07 -35.33 -5.20
CA LEU A 259 -0.25 -34.69 -4.19
C LEU A 259 1.12 -35.33 -3.99
N SER A 260 1.46 -36.27 -4.85
CA SER A 260 2.77 -36.92 -4.77
C SER A 260 3.79 -36.22 -5.67
N LYS A 261 3.46 -35.02 -6.12
CA LYS A 261 4.33 -34.26 -7.00
C LYS A 261 4.94 -33.06 -6.29
N VAL A 262 4.58 -32.88 -5.02
CA VAL A 262 5.21 -31.84 -4.21
C VAL A 262 6.71 -32.09 -4.18
N ARG A 263 7.47 -31.13 -4.71
CA ARG A 263 8.90 -31.36 -4.98
C ARG A 263 9.63 -31.91 -3.77
N SER A 264 10.72 -32.63 -4.02
CA SER A 264 11.42 -33.41 -3.01
C SER A 264 11.49 -32.76 -1.63
N ASN A 265 11.66 -31.45 -1.59
CA ASN A 265 11.97 -30.77 -0.34
C ASN A 265 10.78 -30.07 0.32
N CYS A 266 9.60 -30.17 -0.28
CA CYS A 266 8.40 -29.58 0.30
C CYS A 266 8.08 -30.26 1.63
N PRO A 267 7.90 -29.46 2.70
CA PRO A 267 7.67 -29.99 4.05
C PRO A 267 6.45 -30.91 4.12
N LYS A 268 6.57 -31.98 4.88
CA LYS A 268 5.47 -32.94 5.00
C LYS A 268 4.20 -32.29 5.52
N ALA A 269 4.35 -31.23 6.32
CA ALA A 269 3.22 -30.50 6.86
C ALA A 269 2.49 -29.75 5.77
N MET A 270 3.23 -29.35 4.73
CA MET A 270 2.66 -28.65 3.58
C MET A 270 1.80 -29.59 2.75
N LYS A 271 2.41 -30.68 2.30
CA LYS A 271 1.73 -31.72 1.54
C LYS A 271 0.49 -32.19 2.28
N ARG A 272 0.45 -31.90 3.58
CA ARG A 272 -0.69 -32.29 4.42
C ARG A 272 -1.71 -31.15 4.49
N LEU A 273 -1.22 -29.93 4.70
CA LEU A 273 -2.07 -28.74 4.68
C LEU A 273 -2.71 -28.57 3.32
N MET A 274 -1.99 -29.01 2.29
CA MET A 274 -2.48 -28.92 0.93
C MET A 274 -3.73 -29.79 0.80
N ALA A 275 -3.61 -31.03 1.25
CA ALA A 275 -4.71 -31.98 1.18
C ALA A 275 -5.87 -31.51 2.03
N GLU A 276 -5.57 -30.77 3.08
CA GLU A 276 -6.60 -30.23 3.96
C GLU A 276 -7.38 -29.11 3.29
N CYS A 277 -6.70 -28.32 2.46
CA CYS A 277 -7.35 -27.24 1.75
C CYS A 277 -8.14 -27.75 0.56
N LEU A 278 -7.79 -28.94 0.08
CA LEU A 278 -8.40 -29.48 -1.14
C LEU A 278 -9.45 -30.56 -0.87
N LYS A 279 -9.98 -30.58 0.36
CA LYS A 279 -11.00 -31.57 0.73
C LYS A 279 -12.22 -31.48 -0.16
N LYS A 280 -12.66 -32.61 -0.69
CA LYS A 280 -13.80 -32.64 -1.60
C LYS A 280 -15.07 -32.14 -0.91
N LYS A 281 -15.32 -32.63 0.28
CA LYS A 281 -16.41 -32.13 1.10
C LYS A 281 -15.99 -30.82 1.75
N ARG A 282 -16.69 -29.74 1.42
CA ARG A 282 -16.21 -28.41 1.77
C ARG A 282 -16.19 -28.16 3.28
N ASP A 283 -17.02 -28.89 4.02
CA ASP A 283 -17.12 -28.70 5.46
C ASP A 283 -15.88 -29.18 6.20
N GLU A 284 -15.04 -29.93 5.50
CA GLU A 284 -13.83 -30.49 6.09
C GLU A 284 -12.63 -29.59 5.84
N ARG A 285 -12.88 -28.46 5.18
CA ARG A 285 -11.81 -27.53 4.85
C ARG A 285 -11.58 -26.52 5.97
N PRO A 286 -10.31 -26.21 6.26
CA PRO A 286 -9.93 -25.19 7.24
C PRO A 286 -10.16 -23.77 6.75
N LEU A 287 -10.38 -22.85 7.69
CA LEU A 287 -10.51 -21.44 7.37
C LEU A 287 -9.18 -20.71 7.54
N PHE A 288 -9.03 -19.59 6.85
CA PHE A 288 -7.73 -18.97 6.69
C PHE A 288 -7.00 -18.61 7.98
N PRO A 289 -7.71 -18.11 8.99
CA PRO A 289 -6.99 -17.84 10.23
C PRO A 289 -6.24 -19.07 10.70
N GLN A 290 -6.76 -20.26 10.36
CA GLN A 290 -6.09 -21.50 10.73
C GLN A 290 -5.08 -21.93 9.67
N ILE A 291 -5.36 -21.62 8.41
CA ILE A 291 -4.43 -21.92 7.32
C ILE A 291 -3.19 -21.05 7.48
N LEU A 292 -3.40 -19.85 7.99
CA LEU A 292 -2.31 -18.92 8.26
C LEU A 292 -1.40 -19.53 9.32
N ALA A 293 -2.01 -20.04 10.39
CA ALA A 293 -1.26 -20.56 11.51
C ALA A 293 -0.40 -21.76 11.11
N SER A 294 -0.92 -22.59 10.23
CA SER A 294 -0.22 -23.79 9.81
C SER A 294 0.96 -23.47 8.91
N ILE A 295 0.89 -22.34 8.22
CA ILE A 295 1.98 -21.90 7.35
C ILE A 295 3.01 -21.13 8.16
N GLU A 296 2.54 -20.26 9.04
CA GLU A 296 3.43 -19.45 9.87
C GLU A 296 4.23 -20.32 10.82
N LEU A 297 3.74 -21.54 11.06
CA LEU A 297 4.44 -22.47 11.95
C LEU A 297 5.45 -23.32 11.19
N LEU A 298 5.03 -23.83 10.03
CA LEU A 298 5.90 -24.69 9.23
C LEU A 298 7.00 -23.85 8.59
N ALA A 299 6.91 -22.54 8.75
CA ALA A 299 7.93 -21.62 8.26
C ALA A 299 9.03 -21.46 9.30
N ARG A 300 8.63 -21.24 10.55
CA ARG A 300 9.58 -21.09 11.64
C ARG A 300 10.18 -22.44 12.04
N SER A 301 10.20 -23.37 11.08
CA SER A 301 10.80 -24.67 11.30
C SER A 301 11.41 -25.18 9.99
N LEU A 302 12.50 -24.56 9.56
CA LEU A 302 13.06 -24.87 8.25
C LEU A 302 14.47 -24.30 8.07
N ASP B 29 -18.10 -1.07 6.79
CA ASP B 29 -17.66 0.17 6.08
C ASP B 29 -16.63 0.95 6.91
N ASP B 30 -17.05 1.38 8.10
CA ASP B 30 -16.18 2.19 8.97
C ASP B 30 -15.04 1.36 9.53
N TRP B 31 -13.98 2.05 9.97
CA TRP B 31 -12.69 1.41 10.17
C TRP B 31 -12.32 1.14 11.63
N GLU B 32 -13.28 1.24 12.53
CA GLU B 32 -12.98 0.97 13.93
C GLU B 32 -12.66 -0.51 14.14
N ILE B 33 -11.63 -0.77 14.94
CA ILE B 33 -11.14 -2.12 15.17
C ILE B 33 -11.37 -2.55 16.62
N PRO B 34 -12.35 -3.43 16.84
CA PRO B 34 -12.81 -3.80 18.18
C PRO B 34 -11.71 -4.32 19.10
N ASP B 35 -11.94 -4.19 20.41
CA ASP B 35 -10.99 -4.61 21.42
C ASP B 35 -10.47 -6.01 21.10
N GLY B 36 -9.26 -6.31 21.55
CA GLY B 36 -8.79 -7.69 21.58
C GLY B 36 -8.34 -8.25 20.24
N GLN B 37 -8.54 -7.51 19.16
CA GLN B 37 -8.11 -7.96 17.84
C GLN B 37 -6.61 -7.71 17.65
N ILE B 38 -6.18 -6.49 17.96
CA ILE B 38 -4.81 -6.08 17.71
C ILE B 38 -3.86 -6.63 18.78
N THR B 39 -2.67 -7.03 18.37
CA THR B 39 -1.69 -7.58 19.29
C THR B 39 -0.43 -6.73 19.33
N VAL B 40 -0.38 -5.80 20.28
CA VAL B 40 0.76 -4.89 20.39
C VAL B 40 2.03 -5.63 20.77
N GLY B 41 3.14 -5.26 20.12
CA GLY B 41 4.39 -5.96 20.34
C GLY B 41 5.52 -5.08 20.83
N GLN B 42 6.69 -5.24 20.23
CA GLN B 42 7.87 -4.46 20.60
C GLN B 42 7.59 -2.97 20.49
N ARG B 43 8.34 -2.16 21.23
CA ARG B 43 8.12 -0.72 21.28
C ARG B 43 9.19 0.00 20.46
N ILE B 44 8.77 0.93 19.62
CA ILE B 44 9.70 1.57 18.69
C ILE B 44 9.74 3.10 18.77
N GLY B 45 8.57 3.74 18.61
CA GLY B 45 8.52 5.19 18.63
C GLY B 45 8.17 5.70 20.01
N SER B 46 9.04 6.51 20.57
CA SER B 46 8.94 6.87 21.98
C SER B 46 8.51 8.33 22.16
N GLY B 47 7.23 8.61 21.96
CA GLY B 47 6.76 9.98 22.06
C GLY B 47 6.09 10.28 23.38
N SER B 48 5.91 11.57 23.68
CA SER B 48 5.12 11.97 24.84
C SER B 48 3.67 12.08 24.41
N PHE B 49 3.47 12.51 23.17
CA PHE B 49 2.17 12.39 22.52
C PHE B 49 2.15 11.11 21.72
N GLY B 50 1.57 10.08 22.30
CA GLY B 50 1.45 8.81 21.59
C GLY B 50 2.73 8.00 21.52
N THR B 51 2.60 6.70 21.74
CA THR B 51 3.72 5.77 21.58
C THR B 51 3.41 4.83 20.41
N VAL B 52 4.43 4.52 19.63
CA VAL B 52 4.27 3.68 18.45
C VAL B 52 4.77 2.26 18.69
N TYR B 53 3.93 1.28 18.40
CA TYR B 53 4.26 -0.12 18.62
C TYR B 53 4.13 -0.90 17.31
N LYS B 54 4.97 -1.91 17.13
CA LYS B 54 4.87 -2.80 15.98
C LYS B 54 3.91 -3.94 16.27
N GLY B 55 2.63 -3.73 15.96
CA GLY B 55 1.62 -4.70 16.32
C GLY B 55 1.47 -5.83 15.33
N LYS B 56 0.39 -6.59 15.49
CA LYS B 56 0.00 -7.61 14.52
C LYS B 56 -1.51 -7.58 14.37
N TRP B 57 -1.98 -7.72 13.14
CA TRP B 57 -3.40 -7.59 12.85
C TRP B 57 -3.62 -7.83 11.37
N HIS B 58 -4.09 -9.02 11.03
CA HIS B 58 -4.05 -9.48 9.65
C HIS B 58 -2.66 -9.19 9.12
N GLY B 59 -1.66 -9.81 9.75
CA GLY B 59 -0.29 -9.58 9.36
C GLY B 59 0.36 -8.51 10.23
N ASP B 60 1.64 -8.23 9.97
CA ASP B 60 2.36 -7.21 10.70
C ASP B 60 1.73 -5.84 10.48
N VAL B 61 1.67 -5.04 11.54
CA VAL B 61 1.19 -3.68 11.45
C VAL B 61 1.96 -2.77 12.39
N ALA B 62 1.82 -1.47 12.20
CA ALA B 62 2.31 -0.51 13.16
C ALA B 62 1.10 0.11 13.86
N VAL B 63 1.18 0.26 15.17
CA VAL B 63 0.11 0.87 15.93
C VAL B 63 0.60 2.10 16.67
N LYS B 64 -0.05 3.23 16.44
CA LYS B 64 0.28 4.45 17.14
C LYS B 64 -0.81 4.79 18.14
N MET B 65 -0.53 4.55 19.42
CA MET B 65 -1.48 4.83 20.49
C MET B 65 -1.20 6.20 21.11
N LEU B 66 -2.17 7.10 21.00
CA LEU B 66 -2.09 8.43 21.63
C LEU B 66 -2.24 8.35 23.15
N ASN B 67 -1.16 8.20 23.92
CA ASN B 67 -1.36 8.01 25.36
C ASN B 67 -1.99 9.23 26.02
N VAL B 68 -3.06 9.78 25.47
CA VAL B 68 -3.88 10.69 26.25
C VAL B 68 -4.70 9.84 27.24
N THR B 69 -4.27 9.77 28.49
CA THR B 69 -4.87 8.86 29.47
C THR B 69 -6.23 8.35 28.99
N ALA B 70 -7.31 8.87 29.56
CA ALA B 70 -8.62 8.59 29.01
C ALA B 70 -9.38 9.87 28.75
N PRO B 71 -9.84 10.03 27.51
CA PRO B 71 -10.53 11.28 27.22
C PRO B 71 -11.96 11.28 27.75
N THR B 72 -12.75 12.62 26.58
CA THR B 72 -13.64 13.57 27.21
C THR B 72 -14.49 13.93 26.02
N PRO B 73 -15.50 13.09 25.74
CA PRO B 73 -16.22 13.05 24.45
C PRO B 73 -16.46 14.43 23.86
N GLN B 74 -15.45 14.91 23.14
CA GLN B 74 -15.50 16.11 22.31
C GLN B 74 -14.04 16.26 22.00
N GLN B 75 -13.30 15.30 22.55
CA GLN B 75 -12.00 14.86 22.05
C GLN B 75 -12.22 13.65 21.13
N LEU B 76 -13.10 12.74 21.56
CA LEU B 76 -13.32 11.50 20.82
C LEU B 76 -13.87 11.77 19.43
N GLN B 77 -14.65 12.85 19.30
CA GLN B 77 -15.22 13.22 18.02
C GLN B 77 -14.21 14.00 17.18
N ALA B 78 -13.15 14.49 17.83
CA ALA B 78 -12.07 15.18 17.13
C ALA B 78 -11.04 14.17 16.65
N PHE B 79 -10.96 13.04 17.35
CA PHE B 79 -10.09 11.94 16.96
C PHE B 79 -10.69 11.24 15.76
N LYS B 80 -12.02 11.20 15.70
CA LYS B 80 -12.72 10.59 14.58
C LYS B 80 -12.55 11.45 13.33
N ASN B 81 -12.65 12.76 13.49
CA ASN B 81 -12.54 13.67 12.36
C ASN B 81 -11.18 13.59 11.69
N GLU B 82 -10.16 13.28 12.48
CA GLU B 82 -8.81 13.15 11.94
C GLU B 82 -8.64 11.85 11.17
N VAL B 83 -9.44 10.85 11.52
CA VAL B 83 -9.47 9.59 10.77
C VAL B 83 -10.22 9.81 9.47
N GLY B 84 -11.09 10.81 9.45
CA GLY B 84 -11.75 11.17 8.20
C GLY B 84 -10.74 11.81 7.26
N VAL B 85 -9.68 12.38 7.82
CA VAL B 85 -8.61 12.95 7.01
C VAL B 85 -7.74 11.85 6.44
N LEU B 86 -7.40 10.86 7.25
CA LEU B 86 -6.53 9.76 6.84
C LEU B 86 -7.16 8.97 5.70
N ARG B 87 -8.39 8.51 5.91
CA ARG B 87 -9.04 7.63 4.95
C ARG B 87 -9.19 8.32 3.60
N LYS B 88 -8.95 9.63 3.58
CA LYS B 88 -8.98 10.40 2.34
C LYS B 88 -7.84 9.95 1.43
N THR B 89 -6.86 9.25 2.00
CA THR B 89 -5.62 8.95 1.31
C THR B 89 -5.52 7.50 0.82
N ARG B 90 -5.22 7.33 -0.46
CA ARG B 90 -4.95 6.02 -1.03
C ARG B 90 -3.93 6.11 -2.14
N HIS B 91 -2.66 5.99 -1.79
CA HIS B 91 -1.56 6.11 -2.75
C HIS B 91 -0.34 5.32 -2.29
N VAL B 92 0.40 4.80 -3.24
CA VAL B 92 1.49 3.87 -2.94
C VAL B 92 2.63 4.56 -2.20
N ASN B 93 2.71 5.89 -2.33
CA ASN B 93 3.78 6.64 -1.69
C ASN B 93 3.37 7.23 -0.36
N ILE B 94 2.07 7.19 -0.08
CA ILE B 94 1.57 7.61 1.22
C ILE B 94 1.34 6.41 2.12
N LEU B 95 1.78 6.51 3.38
CA LEU B 95 1.62 5.44 4.33
C LEU B 95 0.17 4.99 4.32
N LEU B 96 -0.05 3.69 4.42
CA LEU B 96 -1.39 3.13 4.35
C LEU B 96 -2.06 3.11 5.71
N PHE B 97 -3.20 3.77 5.80
CA PHE B 97 -4.03 3.68 7.01
C PHE B 97 -5.00 2.51 6.90
N MET B 98 -4.87 1.55 7.80
CA MET B 98 -5.66 0.32 7.74
C MET B 98 -6.89 0.37 8.65
N GLY B 99 -6.84 1.21 9.68
CA GLY B 99 -7.96 1.30 10.59
C GLY B 99 -7.53 1.84 11.94
N TYR B 100 -8.44 2.51 12.64
CA TYR B 100 -8.13 3.07 13.95
C TYR B 100 -8.75 2.24 15.06
N SER B 101 -8.44 2.59 16.29
CA SER B 101 -8.99 1.91 17.47
C SER B 101 -9.19 2.90 18.60
N THR B 102 -10.27 2.75 19.35
CA THR B 102 -10.58 3.65 20.45
C THR B 102 -10.57 2.93 21.79
N LYS B 103 -10.81 1.62 21.76
CA LYS B 103 -11.20 0.89 22.96
C LYS B 103 -10.16 0.91 24.07
N PRO B 104 -9.05 0.16 23.91
CA PRO B 104 -8.12 0.16 25.05
C PRO B 104 -7.55 1.57 25.26
N GLN B 105 -6.93 2.09 24.20
CA GLN B 105 -6.53 3.49 24.16
C GLN B 105 -7.10 4.07 22.88
N LEU B 106 -6.86 5.35 22.64
CA LEU B 106 -6.97 5.88 21.29
C LEU B 106 -5.70 5.49 20.54
N ALA B 107 -5.85 5.11 19.28
CA ALA B 107 -4.71 4.63 18.51
C ALA B 107 -5.06 4.48 17.04
N ILE B 108 -4.09 4.75 16.18
CA ILE B 108 -4.25 4.53 14.75
C ILE B 108 -3.34 3.41 14.31
N VAL B 109 -3.81 2.60 13.36
CA VAL B 109 -3.05 1.45 12.90
C VAL B 109 -2.75 1.57 11.42
N THR B 110 -1.47 1.51 11.08
CA THR B 110 -1.05 1.57 9.68
C THR B 110 -0.26 0.32 9.34
N GLN B 111 -0.04 0.10 8.04
CA GLN B 111 0.81 -1.00 7.60
C GLN B 111 2.14 -0.92 8.32
N TRP B 112 2.92 -2.01 8.26
CA TRP B 112 4.27 -2.00 8.79
C TRP B 112 5.29 -1.93 7.67
N CYS B 113 6.31 -1.09 7.84
CA CYS B 113 7.35 -0.92 6.83
C CYS B 113 8.62 -1.62 7.26
N GLU B 114 8.92 -2.76 6.63
CA GLU B 114 10.16 -3.46 6.92
C GLU B 114 11.31 -2.64 6.33
N GLY B 115 12.24 -2.23 7.18
CA GLY B 115 13.32 -1.36 6.74
C GLY B 115 13.24 0.00 7.41
N SER B 116 14.33 0.77 7.33
CA SER B 116 14.42 2.01 8.11
C SER B 116 14.01 3.25 7.32
N SER B 117 13.83 4.34 8.04
CA SER B 117 13.41 5.61 7.45
C SER B 117 14.59 6.34 6.83
N LEU B 118 14.30 7.23 5.89
CA LEU B 118 15.35 7.96 5.18
C LEU B 118 16.32 8.60 6.15
N TYR B 119 15.80 9.25 7.19
CA TYR B 119 16.63 9.91 8.18
C TYR B 119 17.63 8.94 8.79
N HIS B 120 17.14 7.78 9.18
CA HIS B 120 17.99 6.76 9.77
C HIS B 120 19.07 6.38 8.76
N HIS B 121 18.64 6.12 7.53
CA HIS B 121 19.57 5.73 6.47
C HIS B 121 20.65 6.78 6.26
N LEU B 122 20.24 8.04 6.23
CA LEU B 122 21.11 9.10 5.73
C LEU B 122 22.06 9.65 6.78
N HIS B 123 21.65 9.61 8.04
CA HIS B 123 22.40 10.27 9.09
C HIS B 123 22.86 9.35 10.21
N ILE B 124 22.29 8.15 10.30
CA ILE B 124 22.61 7.26 11.40
C ILE B 124 23.46 6.07 10.99
N ILE B 125 23.05 5.35 9.96
CA ILE B 125 23.84 4.22 9.47
C ILE B 125 24.62 4.59 8.22
N GLU B 126 24.60 5.88 7.87
CA GLU B 126 25.44 6.40 6.81
C GLU B 126 25.38 5.53 5.56
N THR B 127 24.18 5.11 5.20
CA THR B 127 24.00 4.33 3.97
C THR B 127 24.53 5.13 2.78
N LYS B 128 25.15 4.44 1.83
CA LYS B 128 25.60 5.08 0.60
C LYS B 128 24.68 4.71 -0.56
N PHE B 129 23.75 5.61 -0.89
CA PHE B 129 22.84 5.39 -2.00
C PHE B 129 23.51 5.79 -3.30
N GLU B 130 23.21 5.06 -4.37
CA GLU B 130 23.66 5.45 -5.70
C GLU B 130 22.82 6.64 -6.13
N MET B 131 23.39 7.53 -6.94
CA MET B 131 22.72 8.76 -7.33
C MET B 131 21.37 8.50 -7.97
N ILE B 132 21.29 7.47 -8.81
CA ILE B 132 20.03 7.14 -9.47
C ILE B 132 18.96 6.93 -8.41
N LYS B 133 19.37 6.33 -7.30
CA LYS B 133 18.45 6.01 -6.21
C LYS B 133 18.03 7.28 -5.49
N LEU B 134 18.99 8.12 -5.15
CA LEU B 134 18.72 9.36 -4.43
C LEU B 134 17.66 10.17 -5.15
N ILE B 135 17.81 10.31 -6.45
CA ILE B 135 16.83 11.03 -7.25
C ILE B 135 15.46 10.36 -7.16
N ASP B 136 15.44 9.04 -7.28
CA ASP B 136 14.18 8.31 -7.23
C ASP B 136 13.47 8.56 -5.90
N ILE B 137 14.21 8.46 -4.80
CA ILE B 137 13.62 8.73 -3.50
C ILE B 137 13.04 10.14 -3.47
N ALA B 138 13.81 11.10 -3.96
CA ALA B 138 13.35 12.47 -4.03
C ALA B 138 12.06 12.50 -4.83
N ARG B 139 12.02 11.70 -5.89
CA ARG B 139 10.87 11.69 -6.80
C ARG B 139 9.62 11.14 -6.13
N GLN B 140 9.77 10.02 -5.45
CA GLN B 140 8.65 9.38 -4.79
C GLN B 140 8.12 10.30 -3.71
N THR B 141 9.03 10.87 -2.92
CA THR B 141 8.63 11.80 -1.87
C THR B 141 7.71 12.86 -2.45
N ALA B 142 8.16 13.48 -3.54
CA ALA B 142 7.42 14.54 -4.19
C ALA B 142 6.10 14.00 -4.74
N GLN B 143 6.18 12.84 -5.38
CA GLN B 143 4.99 12.17 -5.89
C GLN B 143 3.95 12.06 -4.77
N GLY B 144 4.33 11.42 -3.68
CA GLY B 144 3.42 11.29 -2.55
C GLY B 144 2.94 12.63 -2.06
N MET B 145 3.84 13.61 -1.99
CA MET B 145 3.47 14.95 -1.54
C MET B 145 2.48 15.58 -2.50
N ASP B 146 2.75 15.44 -3.80
CA ASP B 146 1.84 15.92 -4.83
C ASP B 146 0.45 15.40 -4.56
N TYR B 147 0.36 14.11 -4.27
CA TYR B 147 -0.92 13.48 -3.99
C TYR B 147 -1.57 14.09 -2.75
N LEU B 148 -0.82 14.13 -1.65
CA LEU B 148 -1.32 14.68 -0.40
C LEU B 148 -1.93 16.07 -0.58
N HIS B 149 -1.38 16.84 -1.51
CA HIS B 149 -1.86 18.19 -1.77
C HIS B 149 -3.13 18.18 -2.61
N ALA B 150 -3.12 17.40 -3.69
CA ALA B 150 -4.31 17.28 -4.53
C ALA B 150 -5.52 16.98 -3.65
N LYS B 151 -5.28 16.26 -2.56
CA LYS B 151 -6.35 15.89 -1.66
C LYS B 151 -6.50 16.92 -0.53
N SER B 152 -5.79 18.04 -0.68
CA SER B 152 -5.93 19.17 0.23
C SER B 152 -5.38 18.86 1.62
N ILE B 153 -4.36 18.02 1.66
CA ILE B 153 -3.70 17.72 2.93
C ILE B 153 -2.32 18.37 2.96
N ILE B 154 -2.07 19.18 3.98
CA ILE B 154 -0.77 19.79 4.17
C ILE B 154 -0.03 19.03 5.26
N HIS B 155 1.14 18.48 4.91
CA HIS B 155 1.83 17.58 5.82
C HIS B 155 2.22 18.31 7.10
N ARG B 156 2.96 19.40 6.94
CA ARG B 156 3.32 20.29 8.05
C ARG B 156 4.54 19.86 8.84
N ASP B 157 4.90 18.59 8.74
CA ASP B 157 6.16 18.13 9.32
C ASP B 157 6.80 17.08 8.44
N LEU B 158 7.02 17.43 7.18
CA LEU B 158 7.78 16.57 6.29
C LEU B 158 9.24 16.68 6.71
N LYS B 159 9.90 15.53 6.77
CA LYS B 159 11.33 15.47 7.03
C LYS B 159 11.81 14.04 6.78
N SER B 160 13.12 13.86 6.75
CA SER B 160 13.70 12.56 6.45
C SER B 160 13.24 11.52 7.48
N ASN B 161 12.81 12.02 8.64
CA ASN B 161 12.39 11.14 9.74
C ASN B 161 11.05 10.50 9.39
N ASN B 162 10.19 11.26 8.71
CA ASN B 162 8.84 10.82 8.40
C ASN B 162 8.74 10.31 6.97
N ILE B 163 9.87 9.93 6.40
CA ILE B 163 9.88 9.23 5.13
C ILE B 163 10.44 7.83 5.33
N PHE B 164 9.64 6.82 4.99
CA PHE B 164 10.04 5.43 5.19
C PHE B 164 10.40 4.74 3.88
N LEU B 165 11.60 4.20 3.79
CA LEU B 165 11.97 3.35 2.67
C LEU B 165 11.54 1.92 2.91
N HIS B 166 10.35 1.56 2.44
CA HIS B 166 9.85 0.21 2.62
C HIS B 166 10.54 -0.76 1.68
N GLU B 167 10.98 -1.89 2.23
CA GLU B 167 11.78 -2.86 1.48
C GLU B 167 13.01 -2.17 0.89
N ASP B 168 13.14 -0.88 1.17
CA ASP B 168 14.30 -0.09 0.75
C ASP B 168 14.21 0.45 -0.67
N LEU B 169 13.08 0.23 -1.34
CA LEU B 169 12.88 0.82 -2.67
C LEU B 169 11.67 1.74 -2.77
N THR B 170 10.63 1.47 -1.98
CA THR B 170 9.41 2.26 -2.05
C THR B 170 9.31 3.28 -0.91
N VAL B 171 9.06 4.53 -1.26
CA VAL B 171 8.90 5.60 -0.28
C VAL B 171 7.49 5.65 0.26
N LYS B 172 7.35 5.58 1.58
CA LYS B 172 6.07 5.81 2.23
C LYS B 172 6.17 7.05 3.13
N ILE B 173 5.34 8.04 2.86
CA ILE B 173 5.32 9.25 3.68
C ILE B 173 4.32 9.09 4.81
N GLY B 174 4.75 9.38 6.03
CA GLY B 174 3.86 9.21 7.17
C GLY B 174 3.82 10.40 8.11
N ASP B 175 2.92 10.34 9.09
CA ASP B 175 2.91 11.31 10.18
C ASP B 175 2.38 12.66 9.74
N PHE B 176 1.49 12.66 8.76
CA PHE B 176 0.94 13.89 8.22
C PHE B 176 -0.45 14.22 8.78
N GLY B 177 -1.05 13.27 9.49
CA GLY B 177 -2.45 13.43 9.87
C GLY B 177 -2.69 13.40 11.38
N LEU B 178 -3.39 14.41 11.87
CA LEU B 178 -3.90 14.53 13.25
C LEU B 178 -3.91 16.01 13.58
N ALA B 179 -2.88 16.72 13.13
CA ALA B 179 -2.68 18.13 13.43
C ALA B 179 -3.75 18.79 14.30
N THR B 180 -4.99 18.77 13.83
CA THR B 180 -6.09 19.37 14.56
C THR B 180 -6.19 18.83 15.99
N VAL B 181 -5.69 17.62 16.21
CA VAL B 181 -5.63 17.04 17.55
C VAL B 181 -4.24 17.29 18.14
N LYS B 182 -3.88 18.56 18.25
CA LYS B 182 -2.59 18.96 18.80
C LYS B 182 -2.61 20.45 19.09
N SER B 183 -3.14 21.21 18.14
CA SER B 183 -3.33 22.65 18.30
C SER B 183 -4.47 22.92 19.27
N ARG B 184 -5.29 21.90 19.51
CA ARG B 184 -6.42 22.02 20.42
C ARG B 184 -6.31 21.04 21.59
N TRP B 185 -5.19 20.34 21.68
CA TRP B 185 -4.96 19.43 22.80
C TRP B 185 -3.75 19.83 23.64
N SER B 186 -3.76 19.41 24.91
CA SER B 186 -2.72 19.78 25.85
C SER B 186 -1.60 18.74 25.91
N GLY B 187 -0.38 19.21 26.18
CA GLY B 187 0.75 18.31 26.26
C GLY B 187 2.02 18.97 25.75
N SER B 188 3.16 18.37 26.08
CA SER B 188 4.46 18.90 25.66
C SER B 188 4.81 18.43 24.25
N HIS B 189 3.78 18.16 23.44
CA HIS B 189 3.97 17.63 22.11
C HIS B 189 3.98 18.73 21.05
N GLN B 190 3.33 19.86 21.33
CA GLN B 190 3.45 21.01 20.46
C GLN B 190 4.57 21.91 20.98
N PHE B 191 5.61 21.28 21.50
CA PHE B 191 6.89 21.93 21.75
C PHE B 191 8.01 20.99 21.34
N GLU B 192 7.75 19.68 21.35
CA GLU B 192 8.74 18.69 20.96
C GLU B 192 8.81 18.53 19.45
N GLN B 193 7.66 18.27 18.82
CA GLN B 193 7.63 18.08 17.38
C GLN B 193 7.62 19.42 16.66
N LEU B 194 7.88 20.49 17.41
CA LEU B 194 8.33 21.74 16.84
C LEU B 194 9.74 22.09 17.31
N SER B 195 10.53 21.07 17.58
CA SER B 195 11.92 21.28 17.98
C SER B 195 12.88 20.55 17.05
N GLY B 196 12.93 19.23 17.17
CA GLY B 196 13.77 18.44 16.31
C GLY B 196 13.21 18.41 14.90
N SER B 197 12.58 19.50 14.51
CA SER B 197 11.99 19.62 13.18
C SER B 197 12.06 21.05 12.67
N ILE B 198 12.99 21.83 13.22
CA ILE B 198 13.16 23.23 12.81
C ILE B 198 14.03 23.37 11.58
N LEU B 199 14.86 22.36 11.32
CA LEU B 199 15.71 22.37 10.13
C LEU B 199 14.88 22.29 8.86
N TRP B 200 13.66 21.77 8.96
CA TRP B 200 12.79 21.65 7.80
C TRP B 200 11.71 22.72 7.78
N MET B 201 11.67 23.53 8.83
CA MET B 201 10.73 24.64 8.87
C MET B 201 11.15 25.71 7.87
N ALA B 202 10.21 26.10 7.01
CA ALA B 202 10.42 27.26 6.16
C ALA B 202 10.44 28.49 7.05
N PRO B 203 11.07 29.58 6.58
CA PRO B 203 11.24 30.77 7.43
C PRO B 203 9.93 31.28 8.00
N GLU B 204 8.93 31.44 7.13
CA GLU B 204 7.65 32.01 7.53
C GLU B 204 7.02 31.17 8.62
N VAL B 205 7.50 29.94 8.78
CA VAL B 205 7.04 29.07 9.85
C VAL B 205 7.88 29.28 11.11
N ILE B 206 9.20 29.37 10.96
CA ILE B 206 10.09 29.58 12.08
C ILE B 206 9.62 30.80 12.87
N ARG B 207 9.67 31.96 12.25
CA ARG B 207 9.09 33.15 12.85
C ARG B 207 7.58 33.03 12.82
N MET B 208 7.01 32.61 13.95
CA MET B 208 5.57 32.41 14.05
C MET B 208 4.88 33.77 13.87
N GLN B 209 4.56 34.10 12.62
CA GLN B 209 4.13 35.46 12.28
C GLN B 209 2.63 35.67 12.54
N ASP B 210 1.81 34.76 12.04
CA ASP B 210 0.36 34.90 12.18
C ASP B 210 -0.33 33.61 12.60
N LYS B 211 -1.59 33.48 12.20
CA LYS B 211 -2.40 32.32 12.57
C LYS B 211 -1.90 31.08 11.84
N ASN B 212 -1.94 31.13 10.51
CA ASN B 212 -1.64 29.97 9.68
C ASN B 212 -0.44 30.21 8.75
N PRO B 213 0.78 29.92 9.23
CA PRO B 213 2.02 29.98 8.45
C PRO B 213 2.14 28.79 7.50
N TYR B 214 1.48 27.70 7.84
CA TYR B 214 1.58 26.45 7.09
C TYR B 214 0.82 26.49 5.78
N SER B 215 1.44 25.98 4.72
CA SER B 215 0.91 26.10 3.37
C SER B 215 1.50 25.03 2.48
N PHE B 216 0.96 24.88 1.27
CA PHE B 216 1.58 24.03 0.28
C PHE B 216 3.05 24.40 0.20
N GLN B 217 3.32 25.69 0.06
CA GLN B 217 4.68 26.17 -0.16
C GLN B 217 5.61 25.85 0.99
N SER B 218 5.09 25.88 2.22
CA SER B 218 5.92 25.57 3.37
C SER B 218 6.44 24.14 3.26
N ASP B 219 5.57 23.26 2.75
CA ASP B 219 5.96 21.87 2.54
C ASP B 219 7.05 21.80 1.49
N VAL B 220 6.89 22.55 0.41
CA VAL B 220 7.88 22.55 -0.67
C VAL B 220 9.27 22.83 -0.10
N TYR B 221 9.34 23.76 0.85
CA TYR B 221 10.60 24.10 1.48
C TYR B 221 11.11 22.93 2.30
N ALA B 222 10.21 22.31 3.08
CA ALA B 222 10.58 21.13 3.83
C ALA B 222 11.10 20.06 2.87
N PHE B 223 10.43 19.89 1.74
CA PHE B 223 10.90 18.96 0.72
C PHE B 223 12.27 19.41 0.21
N GLY B 224 12.51 20.71 0.27
CA GLY B 224 13.78 21.25 -0.18
C GLY B 224 14.93 20.74 0.66
N ILE B 225 14.74 20.70 1.97
CA ILE B 225 15.82 20.28 2.86
C ILE B 225 16.12 18.80 2.68
N VAL B 226 15.07 18.00 2.50
CA VAL B 226 15.27 16.57 2.28
C VAL B 226 15.93 16.34 0.92
N LEU B 227 15.74 17.30 0.02
CA LEU B 227 16.50 17.30 -1.23
C LEU B 227 17.96 17.57 -0.90
N TYR B 228 18.17 18.48 0.03
CA TYR B 228 19.50 18.83 0.48
C TYR B 228 20.13 17.65 1.22
N GLU B 229 19.30 16.92 1.97
CA GLU B 229 19.77 15.74 2.70
C GLU B 229 20.19 14.63 1.73
N LEU B 230 19.36 14.38 0.73
CA LEU B 230 19.64 13.33 -0.23
C LEU B 230 20.93 13.64 -0.95
N MET B 231 21.13 14.92 -1.25
CA MET B 231 22.20 15.34 -2.15
C MET B 231 23.52 15.65 -1.44
N THR B 232 23.46 15.93 -0.15
CA THR B 232 24.69 16.22 0.60
C THR B 232 24.99 15.10 1.59
N GLY B 233 23.99 14.27 1.87
CA GLY B 233 24.16 13.25 2.90
C GLY B 233 24.30 13.89 4.27
N GLN B 234 23.98 15.17 4.34
CA GLN B 234 24.13 15.91 5.60
C GLN B 234 22.87 16.65 6.00
N LEU B 235 22.75 16.94 7.29
CA LEU B 235 21.74 17.88 7.76
C LEU B 235 22.28 19.28 7.54
N PRO B 236 21.39 20.26 7.29
CA PRO B 236 21.82 21.64 7.10
C PRO B 236 22.38 22.29 8.38
N TYR B 237 23.28 23.25 8.19
CA TYR B 237 23.96 23.92 9.30
C TYR B 237 24.52 22.92 10.31
N SER B 238 25.50 22.13 9.87
CA SER B 238 26.11 21.15 10.76
C SER B 238 27.22 21.80 11.58
N ASN B 239 27.41 23.10 11.43
CA ASN B 239 28.54 23.79 12.04
C ASN B 239 28.12 24.86 13.03
N ILE B 240 26.83 24.97 13.31
CA ILE B 240 26.36 25.92 14.32
C ILE B 240 25.75 25.19 15.51
N ASN B 241 26.39 25.29 16.67
CA ASN B 241 26.03 24.47 17.83
C ASN B 241 24.97 25.11 18.72
N ASN B 242 24.74 26.41 18.54
CA ASN B 242 23.63 27.09 19.21
C ASN B 242 22.40 27.01 18.33
N ARG B 243 21.33 26.43 18.87
CA ARG B 243 20.15 26.12 18.06
C ARG B 243 19.20 27.30 17.90
N ASP B 244 19.28 28.26 18.80
CA ASP B 244 18.41 29.42 18.75
C ASP B 244 18.81 30.38 17.65
N GLN B 245 20.12 30.49 17.42
CA GLN B 245 20.62 31.31 16.33
C GLN B 245 20.09 30.75 15.01
N ILE B 246 20.23 29.44 14.83
CA ILE B 246 19.65 28.76 13.68
C ILE B 246 18.22 29.26 13.49
N ILE B 247 17.44 29.22 14.56
CA ILE B 247 16.07 29.69 14.52
C ILE B 247 16.05 31.15 14.09
N PHE B 248 16.75 31.98 14.84
CA PHE B 248 16.75 33.42 14.60
C PHE B 248 17.12 33.76 13.16
N MET B 249 18.25 33.23 12.70
CA MET B 249 18.80 33.60 11.40
C MET B 249 17.90 33.14 10.26
N VAL B 250 17.57 31.85 10.25
CA VAL B 250 16.71 31.31 9.20
C VAL B 250 15.41 32.09 9.15
N GLY B 251 15.04 32.69 10.27
CA GLY B 251 13.79 33.44 10.34
C GLY B 251 13.92 34.84 9.77
N ARG B 252 15.15 35.33 9.69
CA ARG B 252 15.42 36.66 9.19
C ARG B 252 16.14 36.60 7.85
N GLY B 253 16.34 35.38 7.35
CA GLY B 253 16.95 35.21 6.05
C GLY B 253 18.43 35.54 6.04
N TYR B 254 19.07 35.46 7.21
CA TYR B 254 20.51 35.66 7.30
C TYR B 254 21.24 34.35 7.04
N LEU B 255 20.50 33.24 7.15
CA LEU B 255 21.10 31.90 7.04
C LEU B 255 20.25 31.03 6.13
N SER B 256 20.93 30.24 5.29
CA SER B 256 20.25 29.29 4.42
C SER B 256 21.17 28.10 4.13
N PRO B 257 20.61 26.98 3.67
CA PRO B 257 21.42 25.80 3.32
C PRO B 257 22.54 26.16 2.35
N ASP B 258 23.73 25.61 2.59
CA ASP B 258 24.88 25.89 1.75
C ASP B 258 24.90 24.98 0.54
N LEU B 259 24.39 25.48 -0.58
CA LEU B 259 24.10 24.63 -1.73
C LEU B 259 25.32 24.24 -2.54
N SER B 260 26.51 24.56 -2.02
CA SER B 260 27.74 24.19 -2.69
C SER B 260 28.28 22.86 -2.16
N LYS B 261 27.43 22.11 -1.46
CA LYS B 261 27.82 20.83 -0.89
C LYS B 261 27.14 19.66 -1.60
N VAL B 262 26.32 19.97 -2.60
CA VAL B 262 25.73 18.94 -3.43
C VAL B 262 26.85 18.13 -4.08
N ARG B 263 26.91 16.84 -3.75
CA ARG B 263 28.07 16.03 -4.08
C ARG B 263 28.46 16.14 -5.56
N SER B 264 29.74 15.91 -5.83
CA SER B 264 30.32 16.19 -7.15
C SER B 264 29.43 15.90 -8.35
N ASN B 265 28.64 14.84 -8.27
CA ASN B 265 27.91 14.34 -9.43
C ASN B 265 26.43 14.72 -9.46
N CYS B 266 25.96 15.47 -8.47
CA CYS B 266 24.59 15.92 -8.46
C CYS B 266 24.31 16.86 -9.63
N PRO B 267 23.28 16.57 -10.42
CA PRO B 267 22.98 17.33 -11.64
C PRO B 267 22.76 18.82 -11.37
N LYS B 268 23.27 19.66 -12.27
CA LYS B 268 23.15 21.11 -12.08
C LYS B 268 21.70 21.55 -11.96
N ALA B 269 20.81 20.80 -12.60
CA ALA B 269 19.38 21.10 -12.55
C ALA B 269 18.82 20.86 -11.15
N MET B 270 19.43 19.91 -10.44
CA MET B 270 19.02 19.58 -9.09
C MET B 270 19.40 20.70 -8.14
N LYS B 271 20.69 21.01 -8.12
CA LYS B 271 21.24 22.08 -7.30
C LYS B 271 20.47 23.38 -7.57
N ARG B 272 19.76 23.42 -8.70
CA ARG B 272 18.97 24.57 -9.07
C ARG B 272 17.53 24.43 -8.58
N LEU B 273 16.96 23.24 -8.78
CA LEU B 273 15.62 22.93 -8.27
C LEU B 273 15.61 23.00 -6.75
N MET B 274 16.75 22.68 -6.15
CA MET B 274 16.89 22.71 -4.71
C MET B 274 16.71 24.15 -4.23
N ALA B 275 17.45 25.07 -4.85
CA ALA B 275 17.40 26.48 -4.50
C ALA B 275 16.01 27.05 -4.77
N GLU B 276 15.31 26.48 -5.75
CA GLU B 276 13.97 26.91 -6.08
C GLU B 276 12.97 26.48 -4.99
N CYS B 277 13.21 25.32 -4.40
CA CYS B 277 12.33 24.82 -3.35
C CYS B 277 12.60 25.53 -2.04
N LEU B 278 13.81 26.09 -1.90
CA LEU B 278 14.23 26.69 -0.63
C LEU B 278 14.16 28.21 -0.63
N LYS B 279 13.38 28.79 -1.54
CA LYS B 279 13.24 30.24 -1.62
C LYS B 279 12.71 30.83 -0.32
N LYS B 280 13.39 31.87 0.19
CA LYS B 280 13.03 32.50 1.45
C LYS B 280 11.62 33.07 1.39
N LYS B 281 11.34 33.79 0.31
CA LYS B 281 9.99 34.29 0.06
C LYS B 281 9.14 33.15 -0.51
N ARG B 282 8.09 32.77 0.21
CA ARG B 282 7.38 31.55 -0.09
C ARG B 282 6.67 31.59 -1.45
N ASP B 283 6.33 32.80 -1.90
CA ASP B 283 5.60 32.96 -3.15
C ASP B 283 6.44 32.62 -4.37
N GLU B 284 7.75 32.50 -4.16
CA GLU B 284 8.67 32.21 -5.27
C GLU B 284 8.94 30.71 -5.37
N ARG B 285 8.30 29.94 -4.50
CA ARG B 285 8.48 28.49 -4.48
C ARG B 285 7.53 27.79 -5.44
N PRO B 286 8.03 26.77 -6.16
CA PRO B 286 7.23 25.93 -7.06
C PRO B 286 6.31 24.96 -6.32
N LEU B 287 5.21 24.60 -6.96
CA LEU B 287 4.31 23.58 -6.41
C LEU B 287 4.62 22.22 -6.99
N PHE B 288 4.22 21.17 -6.27
CA PHE B 288 4.71 19.83 -6.53
C PHE B 288 4.46 19.29 -7.93
N PRO B 289 3.28 19.57 -8.51
CA PRO B 289 3.11 19.12 -9.88
C PRO B 289 4.24 19.60 -10.78
N GLN B 290 4.82 20.74 -10.44
CA GLN B 290 5.94 21.28 -11.20
C GLN B 290 7.28 20.76 -10.69
N ILE B 291 7.37 20.51 -9.39
CA ILE B 291 8.58 19.93 -8.80
C ILE B 291 8.73 18.51 -9.31
N LEU B 292 7.60 17.84 -9.51
CA LEU B 292 7.59 16.50 -10.05
C LEU B 292 8.17 16.52 -11.45
N ALA B 293 7.72 17.46 -12.26
CA ALA B 293 8.13 17.53 -13.66
C ALA B 293 9.62 17.77 -13.79
N SER B 294 10.18 18.58 -12.89
CA SER B 294 11.58 18.94 -12.96
C SER B 294 12.47 17.78 -12.56
N ILE B 295 11.94 16.88 -11.73
CA ILE B 295 12.68 15.70 -11.31
C ILE B 295 12.53 14.59 -12.33
N GLU B 296 11.31 14.42 -12.83
CA GLU B 296 11.02 13.38 -13.81
C GLU B 296 11.77 13.64 -15.11
N LEU B 297 12.18 14.89 -15.32
CA LEU B 297 12.91 15.26 -16.53
C LEU B 297 14.41 15.10 -16.34
N LEU B 298 14.92 15.56 -15.20
CA LEU B 298 16.35 15.47 -14.93
C LEU B 298 16.75 14.02 -14.65
N ALA B 299 15.74 13.14 -14.58
CA ALA B 299 15.98 11.72 -14.40
C ALA B 299 16.19 11.05 -15.74
N ARG B 300 15.31 11.35 -16.70
CA ARG B 300 15.41 10.81 -18.05
C ARG B 300 16.55 11.47 -18.82
N SER B 301 17.54 11.97 -18.09
CA SER B 301 18.72 12.58 -18.71
C SER B 301 19.94 12.33 -17.82
N LEU B 302 20.39 11.08 -17.76
CA LEU B 302 21.46 10.72 -16.84
C LEU B 302 22.05 9.34 -17.14
N1 T1Q C . -0.52 -4.54 -12.06
C2 T1Q C . -0.49 -5.49 -13.03
N3 T1Q C . -1.56 -6.09 -13.59
C4 T1Q C . -2.78 -5.70 -13.17
C5 T1Q C . -2.89 -4.73 -12.17
C6 T1Q C . -1.72 -4.15 -11.63
N7 T1Q C . -3.99 -6.26 -13.69
C8 T1Q C . -5.25 -5.91 -13.27
C9 T1Q C . -5.37 -4.92 -12.26
C10 T1Q C . -4.21 -4.33 -11.71
C11 T1Q C . -3.85 -7.28 -14.74
O12 T1Q C . -6.26 -6.43 -13.76
C13 T1Q C . -6.68 -4.50 -11.79
C14 T1Q C . -7.41 -5.33 -10.92
C15 T1Q C . -8.67 -4.93 -10.45
C16 T1Q C . -9.22 -3.70 -10.85
C17 T1Q C . -8.49 -2.86 -11.73
C18 T1Q C . -7.23 -3.27 -12.19
F19 T1Q C . -6.53 -2.47 -13.04
F20 T1Q C . -6.89 -6.52 -10.52
N21 T1Q C . -9.37 -5.74 -9.61
N22 T1Q C . 0.74 -5.88 -13.46
S23 T1Q C . -10.81 -5.44 -8.95
C24 T1Q C . -10.40 -4.14 -7.71
O25 T1Q C . -11.74 -4.80 -9.91
O26 T1Q C . -11.33 -6.57 -8.18
C27 T1Q C . -10.00 -4.74 -6.36
C28 T1Q C . -9.60 -3.69 -5.33
C29 T1Q C . 1.03 -6.87 -14.48
C30 T1Q C . 0.25 -8.18 -14.25
C31 T1Q C . 0.69 -9.32 -15.18
O32 T1Q C . -0.36 -10.26 -15.34
N1 T1Q D . 7.01 1.23 9.64
C2 T1Q D . 8.00 1.67 10.43
N3 T1Q D . 7.92 2.66 11.34
C4 T1Q D . 6.73 3.26 11.48
C5 T1Q D . 5.64 2.87 10.70
C6 T1Q D . 5.82 1.83 9.77
N7 T1Q D . 6.53 4.34 12.42
C8 T1Q D . 5.33 4.99 12.60
C9 T1Q D . 4.23 4.59 11.80
C10 T1Q D . 4.37 3.55 10.87
C11 T1Q D . 7.68 4.74 13.23
O12 T1Q D . 5.23 5.90 13.41
C13 T1Q D . 2.94 5.27 11.95
C14 T1Q D . 2.70 6.48 11.26
C15 T1Q D . 1.46 7.14 11.40
C16 T1Q D . 0.47 6.59 12.26
C17 T1Q D . 0.72 5.39 12.94
C18 T1Q D . 1.95 4.73 12.79
F19 T1Q D . 2.19 3.58 13.45
F20 T1Q D . 3.65 6.99 10.46
N21 T1Q D . 1.21 8.31 10.74
N22 T1Q D . 9.21 1.07 10.30
S23 T1Q D . -0.14 9.22 10.77
C24 T1Q D . -0.92 8.79 9.15
O25 T1Q D . -1.08 8.80 11.81
O26 T1Q D . 0.16 10.67 10.69
C27 T1Q D . -0.42 7.46 8.60
C28 T1Q D . -1.02 7.12 7.23
C29 T1Q D . 10.42 1.39 11.04
C30 T1Q D . 10.74 2.89 11.00
C31 T1Q D . 12.25 3.20 11.05
O32 T1Q D . 12.46 4.44 11.70
#